data_9DI4
#
_entry.id   9DI4
#
_cell.length_a   136.298
_cell.length_b   136.298
_cell.length_c   88.608
_cell.angle_alpha   90
_cell.angle_beta   90
_cell.angle_gamma   120
#
_symmetry.space_group_name_H-M   'P 64 2 2'
#
loop_
_entity.id
_entity.type
_entity.pdbx_description
1 polymer 'RecQ-mediated genome instability protein 1'
2 polymer 'RecQ-mediated genome instability protein 2'
3 polymer 'L4 cyclic peptide'
4 non-polymer 'ZINC ION'
5 water water
#
loop_
_entity_poly.entity_id
_entity_poly.type
_entity_poly.pdbx_seq_one_letter_code
_entity_poly.pdbx_strand_id
1 'polypeptide(L)'
;MENSINLSIAMDLYSPPFVYLSVLMASKPKEVTTVKVKAFIVTLTGNLSSSGGIWSITAKVSDGTAYLDVDFVDEILTSL
IGFSVPEMKQSKKDPLQYQKFLEGLQKCQRDLIDLCCLMTISFNPSLSKAMVLALQDVNMEHLENLKKRLNK
;
A
2 'polypeptide(L)'
;MAAAADSFSGGPAGVRLPRSPPLKVLAEQLRRDAEGGPGAWRLSRAAAGRGPLDLAAVWMQGRVVMADRGEARLRDPSGD
FSVRGLERVPRGRPCLVPGKYVMVMGVVQACSPEPCLQAVKMTDLSDNPIHESMWELEVEDLHRNIP
;
B
3 'polypeptide(L)' (ACE)YSILFDKYYSIPC(NH2) C
#
# COMPACT_ATOMS: atom_id res chain seq x y z
N ALA A 10 -22.97 4.11 7.64
CA ALA A 10 -21.80 4.32 6.75
C ALA A 10 -21.29 5.76 6.90
N MET A 11 -20.38 6.12 6.00
CA MET A 11 -19.46 7.20 6.22
C MET A 11 -19.72 8.06 5.01
N ASP A 12 -19.76 9.38 5.15
CA ASP A 12 -19.90 10.13 3.91
C ASP A 12 -18.54 10.05 3.23
N LEU A 13 -18.62 10.18 1.92
CA LEU A 13 -17.42 10.11 1.13
C LEU A 13 -16.63 11.40 1.21
N TYR A 14 -16.96 12.37 2.07
CA TYR A 14 -16.09 13.54 2.18
C TYR A 14 -15.41 13.59 3.56
N SER A 15 -15.69 12.62 4.45
CA SER A 15 -15.17 12.58 5.82
C SER A 15 -13.65 12.65 5.89
N PRO A 16 -13.04 13.72 6.45
CA PRO A 16 -11.60 13.75 6.65
C PRO A 16 -11.22 12.67 7.65
N PRO A 17 -9.97 12.16 7.59
CA PRO A 17 -8.93 12.61 6.61
C PRO A 17 -8.81 11.85 5.29
N PHE A 18 -9.63 10.79 5.18
CA PHE A 18 -9.69 9.90 4.05
C PHE A 18 -10.78 8.86 4.26
N VAL A 19 -11.26 8.29 3.18
CA VAL A 19 -12.25 7.23 3.24
C VAL A 19 -11.71 5.90 2.72
N TYR A 20 -12.60 4.92 2.63
CA TYR A 20 -12.18 3.56 2.33
C TYR A 20 -12.76 3.21 0.98
N LEU A 21 -12.01 2.44 0.21
CA LEU A 21 -12.52 1.98 -1.07
C LEU A 21 -13.68 1.00 -0.90
N SER A 22 -13.71 0.13 0.11
CA SER A 22 -14.86 -0.76 0.21
C SER A 22 -16.20 -0.04 0.55
N VAL A 23 -16.08 1.12 1.22
CA VAL A 23 -17.23 1.95 1.52
C VAL A 23 -17.76 2.61 0.23
N LEU A 24 -16.84 3.12 -0.58
CA LEU A 24 -17.16 3.72 -1.85
C LEU A 24 -17.86 2.73 -2.75
N MET A 25 -17.34 1.50 -2.81
CA MET A 25 -17.96 0.50 -3.66
C MET A 25 -19.41 0.24 -3.23
N ALA A 26 -19.64 0.09 -1.93
CA ALA A 26 -20.97 -0.28 -1.43
C ALA A 26 -21.99 0.84 -1.69
N SER A 27 -21.53 2.13 -1.75
CA SER A 27 -22.27 3.30 -2.23
C SER A 27 -22.89 3.05 -3.62
N LYS A 28 -22.27 2.23 -4.48
CA LYS A 28 -22.76 1.92 -5.81
C LYS A 28 -22.90 3.17 -6.67
N PRO A 29 -21.87 4.02 -6.77
CA PRO A 29 -22.00 5.33 -7.43
C PRO A 29 -22.46 5.15 -8.86
N LYS A 30 -23.30 6.07 -9.33
CA LYS A 30 -23.74 6.00 -10.72
C LYS A 30 -22.74 6.78 -11.55
N GLU A 31 -22.26 7.92 -11.02
CA GLU A 31 -21.37 8.76 -11.80
C GLU A 31 -19.92 8.62 -11.30
N VAL A 32 -19.03 9.13 -12.12
CA VAL A 32 -17.63 9.27 -11.77
C VAL A 32 -17.56 10.14 -10.53
N THR A 33 -16.76 9.64 -9.59
CA THR A 33 -16.71 10.03 -8.20
C THR A 33 -15.25 10.24 -7.74
N THR A 34 -14.94 11.39 -7.14
CA THR A 34 -13.64 11.65 -6.53
C THR A 34 -13.66 11.27 -5.05
N VAL A 35 -12.70 10.54 -4.54
CA VAL A 35 -12.60 10.29 -3.10
C VAL A 35 -11.14 10.50 -2.74
N LYS A 36 -10.81 10.43 -1.44
CA LYS A 36 -9.39 10.37 -1.08
C LYS A 36 -9.13 9.21 -0.13
N VAL A 37 -8.02 8.46 -0.34
CA VAL A 37 -7.74 7.23 0.42
C VAL A 37 -6.25 7.17 0.70
N LYS A 38 -5.88 6.44 1.79
CA LYS A 38 -4.50 6.08 2.12
C LYS A 38 -4.33 4.64 1.60
N ALA A 39 -3.44 4.62 0.57
CA ALA A 39 -3.07 3.45 -0.22
C ALA A 39 -1.58 3.41 -0.49
N PHE A 40 -1.16 2.22 -0.91
CA PHE A 40 0.17 1.95 -1.38
C PHE A 40 -0.02 1.13 -2.65
N ILE A 41 1.03 1.02 -3.47
CA ILE A 41 0.92 0.19 -4.66
C ILE A 41 1.30 -1.24 -4.34
N VAL A 42 0.33 -2.16 -4.52
CA VAL A 42 0.62 -3.56 -4.41
C VAL A 42 1.53 -3.97 -5.56
N THR A 43 1.26 -3.49 -6.78
CA THR A 43 2.04 -3.92 -7.96
C THR A 43 1.69 -2.99 -9.13
N LEU A 44 2.65 -2.88 -10.06
CA LEU A 44 2.40 -2.33 -11.38
C LEU A 44 1.74 -3.42 -12.22
N THR A 45 1.00 -2.93 -13.21
CA THR A 45 0.35 -3.83 -14.16
C THR A 45 0.81 -3.51 -15.58
N GLY A 46 1.86 -2.71 -15.75
CA GLY A 46 2.19 -2.00 -16.98
C GLY A 46 3.61 -1.40 -16.89
N ASN A 47 4.28 -1.15 -18.01
CA ASN A 47 5.50 -0.37 -18.09
C ASN A 47 5.13 1.09 -18.23
N LEU A 48 5.94 1.99 -17.72
CA LEU A 48 5.88 3.39 -18.07
C LEU A 48 5.63 3.60 -19.57
N SER A 49 4.55 4.26 -19.99
CA SER A 49 4.29 4.63 -21.37
C SER A 49 4.43 6.15 -21.63
N SER A 50 4.91 6.54 -22.82
CA SER A 50 4.77 7.91 -23.32
C SER A 50 3.88 8.02 -24.54
N SER A 51 3.06 6.99 -24.79
CA SER A 51 2.10 7.12 -25.88
C SER A 51 1.09 8.20 -25.55
N GLY A 52 0.64 8.83 -26.63
CA GLY A 52 -0.15 10.04 -26.65
C GLY A 52 0.66 11.33 -26.42
N GLY A 53 1.98 11.27 -26.26
CA GLY A 53 2.74 12.46 -25.84
C GLY A 53 2.66 12.79 -24.34
N ILE A 54 2.29 11.79 -23.53
CA ILE A 54 2.14 11.89 -22.09
C ILE A 54 2.44 10.58 -21.36
N TRP A 55 2.89 10.75 -20.09
CA TRP A 55 3.16 9.65 -19.20
C TRP A 55 1.91 8.98 -18.65
N SER A 56 1.98 7.66 -18.47
CA SER A 56 0.90 6.79 -17.99
C SER A 56 1.54 5.58 -17.30
N ILE A 57 0.88 4.99 -16.30
CA ILE A 57 1.30 3.70 -15.82
C ILE A 57 0.16 3.11 -15.00
N THR A 58 -0.05 1.82 -15.18
CA THR A 58 -1.16 1.21 -14.51
C THR A 58 -0.57 0.45 -13.34
N ALA A 59 -1.42 0.32 -12.29
CA ALA A 59 -1.04 -0.27 -11.02
C ALA A 59 -2.33 -0.79 -10.36
N LYS A 60 -2.09 -1.72 -9.41
CA LYS A 60 -3.08 -2.11 -8.45
C LYS A 60 -2.65 -1.45 -7.15
N VAL A 61 -3.57 -0.71 -6.51
CA VAL A 61 -3.32 -0.24 -5.17
C VAL A 61 -4.30 -0.94 -4.21
N SER A 62 -3.97 -0.73 -2.92
CA SER A 62 -4.85 -1.07 -1.83
C SER A 62 -4.71 -0.04 -0.72
N ASP A 63 -5.88 0.12 -0.10
CA ASP A 63 -6.01 0.93 1.10
C ASP A 63 -6.34 0.05 2.29
N GLY A 64 -6.28 -1.28 2.12
CA GLY A 64 -6.51 -2.22 3.19
C GLY A 64 -7.91 -2.81 3.13
N THR A 65 -8.81 -2.19 2.36
CA THR A 65 -10.17 -2.66 2.28
C THR A 65 -10.48 -3.29 0.93
N ALA A 66 -9.70 -2.96 -0.10
CA ALA A 66 -9.94 -3.32 -1.50
C ALA A 66 -8.64 -3.32 -2.28
N TYR A 67 -8.71 -3.86 -3.51
CA TYR A 67 -7.64 -3.68 -4.48
C TYR A 67 -8.19 -2.81 -5.62
N LEU A 68 -7.43 -1.95 -6.29
CA LEU A 68 -8.10 -1.18 -7.33
C LEU A 68 -7.17 -0.81 -8.47
N ASP A 69 -7.62 -1.03 -9.71
CA ASP A 69 -6.76 -0.68 -10.81
C ASP A 69 -6.72 0.84 -11.00
N VAL A 70 -5.54 1.41 -11.22
CA VAL A 70 -5.48 2.85 -11.34
C VAL A 70 -4.57 3.19 -12.51
N ASP A 71 -4.64 4.44 -13.00
CA ASP A 71 -3.61 4.95 -13.89
C ASP A 71 -3.13 6.24 -13.26
N PHE A 72 -1.86 6.56 -13.33
CA PHE A 72 -1.38 7.83 -12.80
C PHE A 72 -1.57 8.84 -13.89
N VAL A 73 -2.00 10.04 -13.47
CA VAL A 73 -2.01 11.18 -14.36
C VAL A 73 -0.57 11.54 -14.68
N ASP A 74 -0.44 12.12 -15.89
CA ASP A 74 0.74 12.81 -16.39
C ASP A 74 1.46 13.65 -15.34
N GLU A 75 0.73 14.51 -14.63
CA GLU A 75 1.31 15.58 -13.82
C GLU A 75 2.05 14.89 -12.67
N ILE A 76 1.54 13.75 -12.24
CA ILE A 76 2.22 13.05 -11.16
C ILE A 76 3.54 12.50 -11.69
N LEU A 77 3.46 11.78 -12.81
CA LEU A 77 4.63 11.07 -13.29
C LEU A 77 5.65 12.09 -13.73
N THR A 78 5.23 13.21 -14.35
CA THR A 78 6.21 14.23 -14.65
C THR A 78 6.91 14.71 -13.37
N SER A 79 6.21 14.85 -12.26
CA SER A 79 6.91 15.46 -11.15
C SER A 79 7.83 14.44 -10.48
N LEU A 80 7.52 13.15 -10.56
CA LEU A 80 8.40 12.07 -10.09
C LEU A 80 9.72 11.88 -10.86
N ILE A 81 9.69 12.05 -12.18
CA ILE A 81 10.81 11.94 -13.09
C ILE A 81 11.63 13.22 -13.27
N GLY A 82 10.94 14.37 -13.33
CA GLY A 82 11.61 15.66 -13.48
C GLY A 82 11.65 16.13 -14.93
N PHE A 83 10.97 15.28 -15.73
CA PHE A 83 10.92 15.38 -17.16
C PHE A 83 9.53 15.03 -17.67
N SER A 84 9.04 15.92 -18.54
CA SER A 84 7.86 15.70 -19.34
C SER A 84 8.17 14.81 -20.53
N VAL A 85 7.14 14.37 -21.25
CA VAL A 85 7.40 13.57 -22.42
C VAL A 85 8.24 14.38 -23.42
N PRO A 86 7.84 15.58 -23.83
CA PRO A 86 8.68 16.46 -24.68
C PRO A 86 10.10 16.63 -24.20
N GLU A 87 10.26 16.77 -22.88
CA GLU A 87 11.61 17.04 -22.43
C GLU A 87 12.39 15.75 -22.59
N MET A 88 11.71 14.61 -22.50
CA MET A 88 12.45 13.36 -22.48
C MET A 88 12.98 13.14 -23.87
N LYS A 89 12.12 13.30 -24.88
CA LYS A 89 12.52 13.22 -26.29
C LYS A 89 13.70 14.15 -26.57
N GLN A 90 13.60 15.47 -26.33
CA GLN A 90 14.76 16.35 -26.47
C GLN A 90 15.98 15.90 -25.66
N SER A 91 15.77 15.18 -24.54
CA SER A 91 16.94 14.73 -23.79
C SER A 91 17.76 13.68 -24.58
N LYS A 92 17.06 12.88 -25.40
CA LYS A 92 17.67 11.85 -26.24
C LYS A 92 18.69 12.43 -27.22
N LYS A 93 18.65 13.73 -27.52
CA LYS A 93 19.62 14.33 -28.42
C LYS A 93 20.90 14.76 -27.71
N ASP A 94 21.02 14.65 -26.39
CA ASP A 94 22.28 15.03 -25.76
C ASP A 94 22.58 14.05 -24.62
N PRO A 95 23.74 13.38 -24.66
CA PRO A 95 24.14 12.43 -23.63
C PRO A 95 24.02 12.86 -22.19
N LEU A 96 24.39 14.11 -21.87
CA LEU A 96 24.43 14.56 -20.49
C LEU A 96 23.01 14.72 -19.92
N GLN A 97 22.12 15.29 -20.74
CA GLN A 97 20.75 15.52 -20.33
C GLN A 97 20.00 14.17 -20.28
N TYR A 98 20.28 13.24 -21.20
CA TYR A 98 19.61 11.94 -21.16
C TYR A 98 20.02 11.18 -19.89
N GLN A 99 21.23 11.42 -19.41
CA GLN A 99 21.63 10.71 -18.21
C GLN A 99 20.75 11.20 -17.07
N LYS A 100 20.55 12.50 -16.99
CA LYS A 100 19.70 13.02 -15.95
C LYS A 100 18.29 12.43 -16.09
N PHE A 101 17.81 12.26 -17.33
CA PHE A 101 16.55 11.55 -17.42
C PHE A 101 16.64 10.13 -16.82
N LEU A 102 17.77 9.47 -16.88
CA LEU A 102 17.69 8.06 -16.56
C LEU A 102 17.60 7.94 -15.06
N GLU A 103 18.24 8.89 -14.36
CA GLU A 103 18.26 8.98 -12.90
C GLU A 103 16.89 9.37 -12.40
N GLY A 104 16.26 10.25 -13.18
CA GLY A 104 14.85 10.58 -13.01
C GLY A 104 14.01 9.32 -13.05
N LEU A 105 14.20 8.48 -14.06
CA LEU A 105 13.51 7.20 -14.15
C LEU A 105 13.81 6.28 -12.97
N GLN A 106 15.06 6.22 -12.47
CA GLN A 106 15.43 5.28 -11.39
C GLN A 106 14.59 5.76 -10.22
N LYS A 107 14.61 7.09 -10.02
CA LYS A 107 14.04 7.74 -8.84
C LYS A 107 12.55 7.46 -8.76
N CYS A 108 11.89 7.59 -9.90
CA CYS A 108 10.50 7.33 -10.05
C CYS A 108 10.20 5.87 -9.77
N GLN A 109 11.01 4.96 -10.25
CA GLN A 109 10.62 3.57 -10.09
C GLN A 109 10.67 3.20 -8.61
N ARG A 110 11.62 3.84 -7.92
CA ARG A 110 11.78 3.73 -6.48
C ARG A 110 10.59 4.35 -5.76
N ASP A 111 10.14 5.49 -6.25
CA ASP A 111 9.14 6.27 -5.56
C ASP A 111 7.92 5.39 -5.52
N LEU A 112 7.65 4.76 -6.65
CA LEU A 112 6.50 3.87 -6.80
C LEU A 112 6.62 2.66 -5.89
N ILE A 113 7.78 2.06 -5.82
CA ILE A 113 7.92 0.98 -4.88
C ILE A 113 7.55 1.40 -3.47
N ASP A 114 8.08 2.57 -3.08
CA ASP A 114 7.94 3.06 -1.72
C ASP A 114 6.65 3.85 -1.44
N LEU A 115 5.78 4.05 -2.45
CA LEU A 115 4.63 4.92 -2.28
C LEU A 115 3.65 4.34 -1.30
N CYS A 116 3.35 5.18 -0.35
CA CYS A 116 2.39 4.91 0.68
C CYS A 116 1.90 6.29 1.08
N CYS A 117 0.74 6.71 0.52
CA CYS A 117 0.18 7.99 0.95
C CYS A 117 -1.33 8.15 0.64
N LEU A 118 -1.79 9.39 0.86
CA LEU A 118 -3.13 9.80 0.52
C LEU A 118 -3.18 10.08 -0.95
N MET A 119 -3.92 9.26 -1.64
CA MET A 119 -4.15 9.44 -3.06
C MET A 119 -5.53 10.05 -3.26
N THR A 120 -5.60 11.08 -4.11
CA THR A 120 -6.87 11.59 -4.54
C THR A 120 -7.27 10.83 -5.80
N ILE A 121 -8.30 10.01 -5.72
CA ILE A 121 -8.50 9.12 -6.86
C ILE A 121 -9.81 9.51 -7.51
N SER A 122 -9.87 9.47 -8.84
CA SER A 122 -11.09 9.71 -9.59
C SER A 122 -11.69 8.41 -10.11
N PHE A 123 -12.79 7.92 -9.57
CA PHE A 123 -13.14 6.53 -9.81
C PHE A 123 -14.30 6.40 -10.78
N ASN A 124 -14.08 5.67 -11.88
CA ASN A 124 -15.11 5.46 -12.87
C ASN A 124 -15.84 4.14 -12.61
N PRO A 125 -17.13 4.19 -12.23
CA PRO A 125 -17.80 2.99 -11.71
C PRO A 125 -18.17 1.93 -12.76
N SER A 126 -18.33 2.37 -14.01
CA SER A 126 -18.74 1.50 -15.10
C SER A 126 -17.51 0.69 -15.57
N LEU A 127 -16.30 1.24 -15.29
CA LEU A 127 -15.07 0.66 -15.78
C LEU A 127 -14.19 0.00 -14.73
N SER A 128 -14.55 -0.02 -13.43
CA SER A 128 -13.72 -0.66 -12.39
C SER A 128 -12.26 -0.17 -12.33
N LYS A 129 -12.04 1.12 -12.58
CA LYS A 129 -10.76 1.65 -12.99
C LYS A 129 -10.80 3.10 -12.49
N ALA A 130 -9.77 3.51 -11.78
CA ALA A 130 -9.66 4.87 -11.36
C ALA A 130 -8.41 5.59 -11.88
N MET A 131 -8.39 6.88 -11.70
CA MET A 131 -7.27 7.67 -12.16
C MET A 131 -6.70 8.37 -10.92
N VAL A 132 -5.42 8.24 -10.61
CA VAL A 132 -4.85 8.93 -9.48
C VAL A 132 -4.45 10.34 -9.88
N LEU A 133 -5.10 11.31 -9.21
CA LEU A 133 -5.05 12.71 -9.61
C LEU A 133 -3.95 13.44 -8.88
N ALA A 134 -3.79 13.10 -7.59
CA ALA A 134 -2.75 13.72 -6.81
C ALA A 134 -2.43 12.91 -5.56
N LEU A 135 -1.22 13.20 -5.07
CA LEU A 135 -0.72 12.45 -3.96
C LEU A 135 -0.42 13.41 -2.84
N GLN A 136 -0.53 12.96 -1.60
CA GLN A 136 -0.20 13.85 -0.51
C GLN A 136 0.28 13.05 0.69
N ASP A 137 1.21 13.63 1.47
CA ASP A 137 1.79 12.91 2.61
C ASP A 137 0.94 13.30 3.81
N VAL A 138 0.89 12.43 4.82
CA VAL A 138 0.07 12.66 5.98
C VAL A 138 0.72 13.70 6.90
N ASN A 139 -0.13 14.46 7.59
CA ASN A 139 0.35 15.46 8.52
C ASN A 139 -0.54 15.48 9.78
N MET A 140 -0.13 16.36 10.68
CA MET A 140 -0.75 16.54 12.00
C MET A 140 -2.24 16.71 11.83
N GLU A 141 -2.64 17.57 10.88
CA GLU A 141 -4.04 17.76 10.68
C GLU A 141 -4.74 16.42 10.43
N HIS A 142 -4.13 15.56 9.64
CA HIS A 142 -4.75 14.30 9.28
C HIS A 142 -5.01 13.53 10.56
N LEU A 143 -3.97 13.54 11.39
CA LEU A 143 -4.03 12.82 12.64
C LEU A 143 -5.21 13.28 13.51
N GLU A 144 -5.32 14.58 13.75
CA GLU A 144 -6.42 15.14 14.51
C GLU A 144 -7.74 14.64 13.93
N ASN A 145 -7.95 14.82 12.63
CA ASN A 145 -9.18 14.41 12.00
C ASN A 145 -9.52 12.98 12.33
N LEU A 146 -8.52 12.13 12.40
CA LEU A 146 -8.80 10.72 12.66
C LEU A 146 -9.17 10.48 14.11
N LYS A 147 -8.43 11.18 14.97
CA LYS A 147 -8.76 11.32 16.37
C LYS A 147 -10.25 11.69 16.51
N LYS A 148 -10.65 12.84 15.92
CA LYS A 148 -11.98 13.39 16.15
C LYS A 148 -13.02 12.39 15.70
N ARG A 149 -12.73 11.61 14.67
CA ARG A 149 -13.75 10.83 13.99
C ARG A 149 -14.01 9.55 14.75
N LEU A 150 -13.00 9.10 15.49
CA LEU A 150 -13.12 8.00 16.43
C LEU A 150 -13.62 8.44 17.81
N ASN A 151 -13.90 9.75 17.99
CA ASN A 151 -14.24 10.46 19.24
C ASN A 151 -13.20 10.19 20.32
N LYS A 152 -11.94 10.54 20.07
CA LYS A 152 -10.83 10.15 20.93
C LYS A 152 -9.76 11.24 20.97
N GLY B 10 -5.83 -12.78 -12.42
CA GLY B 10 -6.77 -11.95 -13.20
C GLY B 10 -6.20 -10.52 -13.34
N GLY B 11 -5.39 -10.35 -14.40
CA GLY B 11 -4.59 -9.17 -14.63
C GLY B 11 -3.58 -9.39 -15.74
N PRO B 12 -2.32 -8.92 -15.63
CA PRO B 12 -1.19 -9.34 -16.47
C PRO B 12 -0.81 -10.73 -15.98
N ALA B 13 -0.45 -11.62 -16.88
CA ALA B 13 0.25 -12.82 -16.50
C ALA B 13 1.48 -12.28 -15.82
N GLY B 14 1.86 -13.03 -14.79
CA GLY B 14 3.08 -12.52 -14.14
C GLY B 14 2.83 -11.67 -12.88
N VAL B 15 1.55 -11.28 -12.66
CA VAL B 15 1.01 -10.75 -11.44
C VAL B 15 -0.13 -11.63 -10.94
N ARG B 16 0.09 -12.25 -9.80
CA ARG B 16 -0.92 -13.03 -9.10
C ARG B 16 -0.81 -12.60 -7.64
N LEU B 17 -1.94 -12.18 -7.05
CA LEU B 17 -1.95 -11.56 -5.75
C LEU B 17 -2.84 -12.43 -4.89
N PRO B 18 -2.72 -12.33 -3.55
CA PRO B 18 -3.64 -13.04 -2.65
C PRO B 18 -5.11 -12.63 -2.86
N ARG B 19 -6.02 -13.52 -2.44
CA ARG B 19 -7.39 -13.46 -2.91
C ARG B 19 -8.11 -12.21 -2.37
N SER B 20 -8.11 -11.99 -1.06
CA SER B 20 -8.69 -10.81 -0.47
C SER B 20 -7.54 -9.87 -0.14
N PRO B 21 -7.83 -8.57 0.07
CA PRO B 21 -6.80 -7.55 0.22
C PRO B 21 -6.03 -7.62 1.51
N PRO B 22 -5.01 -6.77 1.63
CA PRO B 22 -4.17 -6.77 2.81
C PRO B 22 -4.84 -5.93 3.87
N LEU B 23 -5.48 -6.62 4.80
CA LEU B 23 -6.13 -6.04 5.95
C LEU B 23 -5.14 -5.43 6.94
N LYS B 24 -5.35 -4.16 7.37
CA LYS B 24 -4.47 -3.57 8.37
C LYS B 24 -4.75 -4.22 9.74
N VAL B 25 -3.66 -4.66 10.42
CA VAL B 25 -3.76 -5.22 11.75
C VAL B 25 -2.55 -4.89 12.62
N LEU B 26 -2.83 -5.25 13.89
CA LEU B 26 -1.91 -5.27 15.01
C LEU B 26 -1.58 -6.71 15.45
N ALA B 27 -0.30 -6.84 15.79
CA ALA B 27 0.26 -8.07 16.29
C ALA B 27 -0.67 -8.75 17.28
N GLU B 28 -1.17 -7.98 18.24
CA GLU B 28 -2.02 -8.53 19.30
C GLU B 28 -3.30 -9.16 18.77
N GLN B 29 -3.90 -8.50 17.77
CA GLN B 29 -5.14 -8.97 17.16
C GLN B 29 -4.88 -10.30 16.51
N LEU B 30 -3.71 -10.44 15.87
CA LEU B 30 -3.39 -11.67 15.18
C LEU B 30 -3.26 -12.72 16.26
N ARG B 31 -2.47 -12.36 17.26
CA ARG B 31 -2.14 -13.27 18.37
C ARG B 31 -3.41 -13.81 19.04
N ARG B 32 -4.52 -13.05 19.05
CA ARG B 32 -5.65 -13.34 19.89
C ARG B 32 -6.90 -13.69 19.07
N ASP B 33 -7.19 -12.95 18.01
CA ASP B 33 -8.48 -13.08 17.37
C ASP B 33 -8.39 -13.93 16.08
N ALA B 34 -7.18 -14.19 15.56
CA ALA B 34 -7.00 -14.99 14.35
C ALA B 34 -7.37 -16.45 14.60
N GLU B 35 -7.93 -17.13 13.60
CA GLU B 35 -8.43 -18.48 13.69
C GLU B 35 -8.26 -19.21 12.35
N GLY B 36 -8.43 -20.56 12.39
CA GLY B 36 -8.03 -21.45 11.32
C GLY B 36 -6.55 -21.73 11.46
N GLY B 37 -5.87 -21.95 10.33
CA GLY B 37 -4.46 -22.34 10.36
C GLY B 37 -3.89 -22.01 9.00
N PRO B 38 -2.71 -22.51 8.59
CA PRO B 38 -2.03 -21.98 7.38
C PRO B 38 -2.82 -22.15 6.07
N GLY B 39 -2.93 -21.04 5.33
CA GLY B 39 -3.69 -21.04 4.08
C GLY B 39 -5.19 -20.80 4.22
N ALA B 40 -5.70 -20.71 5.47
CA ALA B 40 -7.12 -20.71 5.80
C ALA B 40 -7.38 -19.75 6.94
N TRP B 41 -6.70 -18.60 6.91
CA TRP B 41 -6.72 -17.78 8.10
C TRP B 41 -7.85 -16.77 8.01
N ARG B 42 -8.40 -16.49 9.19
CA ARG B 42 -9.42 -15.46 9.31
C ARG B 42 -9.46 -14.93 10.73
N LEU B 43 -9.81 -13.65 10.83
CA LEU B 43 -9.84 -12.90 12.07
C LEU B 43 -11.24 -12.95 12.64
N SER B 44 -11.31 -13.16 13.95
CA SER B 44 -12.56 -13.23 14.67
C SER B 44 -12.96 -11.82 15.09
N ARG B 45 -14.22 -11.47 14.80
CA ARG B 45 -14.86 -10.29 15.32
C ARG B 45 -16.12 -10.68 16.10
N ALA B 46 -16.06 -11.75 16.88
CA ALA B 46 -17.18 -12.17 17.73
C ALA B 46 -17.43 -11.14 18.85
N ALA B 47 -16.37 -10.48 19.40
CA ALA B 47 -16.45 -9.33 20.32
C ALA B 47 -17.51 -8.30 19.89
N ALA B 48 -17.38 -7.66 18.72
CA ALA B 48 -18.42 -6.75 18.26
C ALA B 48 -19.51 -7.49 17.46
N GLY B 49 -19.78 -8.77 17.81
CA GLY B 49 -20.86 -9.58 17.23
C GLY B 49 -20.91 -9.66 15.70
N ARG B 50 -19.86 -9.24 14.97
CA ARG B 50 -19.81 -9.32 13.52
C ARG B 50 -19.13 -10.62 13.05
N GLY B 51 -19.19 -10.85 11.74
CA GLY B 51 -18.66 -12.07 11.17
C GLY B 51 -17.14 -12.03 11.03
N PRO B 52 -16.54 -13.23 10.89
CA PRO B 52 -15.12 -13.37 10.49
C PRO B 52 -14.69 -12.65 9.21
N LEU B 53 -13.54 -11.96 9.28
CA LEU B 53 -12.86 -11.32 8.16
C LEU B 53 -11.74 -12.22 7.65
N ASP B 54 -11.40 -12.07 6.36
CA ASP B 54 -10.41 -12.93 5.74
C ASP B 54 -8.97 -12.43 5.91
N LEU B 55 -8.10 -13.39 6.28
CA LEU B 55 -6.70 -13.10 6.49
C LEU B 55 -5.79 -13.77 5.47
N ALA B 56 -5.85 -13.36 4.22
CA ALA B 56 -4.88 -13.94 3.34
C ALA B 56 -3.59 -13.14 3.51
N ALA B 57 -3.71 -11.89 3.07
CA ALA B 57 -2.70 -10.88 3.21
C ALA B 57 -3.06 -9.97 4.36
N VAL B 58 -1.99 -9.33 4.91
CA VAL B 58 -2.13 -8.30 5.91
C VAL B 58 -1.17 -7.15 5.69
N TRP B 59 -1.57 -6.05 6.27
CA TRP B 59 -0.81 -4.82 6.23
C TRP B 59 -0.50 -4.54 7.67
N MET B 60 0.77 -4.65 8.04
CA MET B 60 1.28 -4.30 9.36
C MET B 60 2.32 -3.20 9.23
N GLN B 61 2.61 -2.54 10.35
CA GLN B 61 3.61 -1.50 10.46
C GLN B 61 4.31 -1.71 11.80
N GLY B 62 5.54 -1.20 11.92
CA GLY B 62 6.39 -1.55 13.04
C GLY B 62 7.79 -0.99 12.90
N ARG B 63 8.49 -1.02 14.03
CA ARG B 63 9.88 -0.65 14.04
C ARG B 63 10.65 -1.94 13.93
N VAL B 64 11.77 -1.84 13.24
CA VAL B 64 12.64 -2.97 13.15
C VAL B 64 13.46 -3.05 14.44
N VAL B 65 13.34 -4.25 15.05
CA VAL B 65 14.22 -4.66 16.12
C VAL B 65 15.45 -5.42 15.60
N MET B 66 15.25 -6.45 14.77
CA MET B 66 16.32 -7.33 14.36
C MET B 66 16.20 -7.56 12.87
N ALA B 67 17.35 -7.71 12.21
CA ALA B 67 17.44 -7.90 10.77
C ALA B 67 18.51 -8.93 10.46
N ASP B 68 18.15 -10.09 9.92
CA ASP B 68 19.12 -11.15 9.65
C ASP B 68 18.92 -11.73 8.26
N ARG B 69 19.53 -11.08 7.25
CA ARG B 69 19.48 -11.51 5.86
C ARG B 69 18.15 -11.00 5.35
N GLY B 70 17.23 -11.96 5.10
CA GLY B 70 15.85 -11.73 4.74
C GLY B 70 14.85 -12.18 5.82
N GLU B 71 15.31 -12.33 7.09
CA GLU B 71 14.39 -12.45 8.23
C GLU B 71 14.40 -11.12 8.98
N ALA B 72 13.36 -10.86 9.78
CA ALA B 72 13.33 -9.65 10.59
C ALA B 72 12.28 -9.73 11.70
N ARG B 73 12.57 -9.10 12.85
CA ARG B 73 11.56 -8.96 13.87
C ARG B 73 11.25 -7.48 14.08
N LEU B 74 9.96 -7.20 13.98
CA LEU B 74 9.44 -5.86 14.02
C LEU B 74 8.61 -5.78 15.27
N ARG B 75 8.27 -4.54 15.63
CA ARG B 75 7.36 -4.37 16.73
C ARG B 75 6.45 -3.16 16.49
N ASP B 76 5.13 -3.42 16.71
CA ASP B 76 4.13 -2.37 16.79
C ASP B 76 3.75 -2.15 18.25
N PRO B 77 2.95 -1.11 18.54
CA PRO B 77 2.56 -0.85 19.91
C PRO B 77 1.99 -2.07 20.62
N SER B 78 1.41 -3.01 19.88
CA SER B 78 0.77 -4.15 20.52
C SER B 78 1.72 -5.32 20.77
N GLY B 79 2.87 -5.30 20.10
CA GLY B 79 3.86 -6.35 20.27
C GLY B 79 4.68 -6.69 19.01
N ASP B 80 5.45 -7.78 19.14
CA ASP B 80 6.54 -8.18 18.26
C ASP B 80 5.84 -9.01 17.16
N PHE B 81 6.35 -8.95 15.93
CA PHE B 81 5.93 -9.85 14.87
C PHE B 81 7.17 -10.10 14.02
N SER B 82 7.12 -11.24 13.32
CA SER B 82 8.28 -11.69 12.57
C SER B 82 7.98 -11.77 11.08
N VAL B 83 9.01 -11.53 10.26
CA VAL B 83 8.92 -11.54 8.80
C VAL B 83 10.03 -12.37 8.11
N ARG B 84 9.67 -13.14 7.06
CA ARG B 84 10.67 -13.82 6.26
C ARG B 84 10.58 -13.53 4.77
N GLY B 85 11.68 -13.75 4.05
CA GLY B 85 11.63 -13.81 2.61
C GLY B 85 11.76 -12.42 2.04
N LEU B 86 12.33 -11.56 2.87
CA LEU B 86 12.52 -10.17 2.51
C LEU B 86 13.53 -10.02 1.42
N GLU B 87 14.25 -11.09 1.14
CA GLU B 87 15.29 -11.01 0.12
C GLU B 87 14.63 -11.04 -1.26
N ARG B 88 13.34 -11.36 -1.33
CA ARG B 88 12.61 -11.48 -2.58
C ARG B 88 11.68 -10.32 -2.98
N VAL B 89 11.43 -9.39 -2.08
CA VAL B 89 10.58 -8.25 -2.35
C VAL B 89 11.35 -7.05 -2.92
N PRO B 90 10.60 -6.09 -3.47
CA PRO B 90 11.17 -4.89 -4.07
C PRO B 90 11.94 -4.08 -3.04
N ARG B 91 13.01 -3.46 -3.52
CA ARG B 91 13.92 -2.77 -2.63
C ARG B 91 13.76 -1.31 -2.94
N GLY B 92 13.10 -0.57 -2.08
CA GLY B 92 13.08 0.87 -2.31
C GLY B 92 14.18 1.54 -1.51
N ARG B 93 13.89 2.64 -0.80
CA ARG B 93 14.90 3.20 0.07
C ARG B 93 15.22 2.03 0.98
N PRO B 94 16.47 1.86 1.39
CA PRO B 94 16.79 0.66 2.15
C PRO B 94 16.40 0.94 3.61
N CYS B 95 15.84 -0.10 4.24
CA CYS B 95 15.15 0.07 5.49
C CYS B 95 15.26 -1.20 6.36
N LEU B 96 15.99 -2.23 5.94
CA LEU B 96 16.22 -3.34 6.84
C LEU B 96 17.39 -3.06 7.81
N VAL B 97 17.20 -2.05 8.67
CA VAL B 97 18.18 -1.50 9.59
C VAL B 97 17.46 -1.53 10.92
N PRO B 98 18.07 -1.84 12.08
CA PRO B 98 17.34 -1.63 13.32
C PRO B 98 17.02 -0.15 13.54
N GLY B 99 15.80 0.04 14.05
CA GLY B 99 15.27 1.36 14.39
C GLY B 99 14.44 2.01 13.29
N LYS B 100 14.50 1.54 12.05
CA LYS B 100 13.61 2.07 11.03
C LYS B 100 12.19 1.63 11.36
N TYR B 101 11.25 2.51 10.95
CA TYR B 101 9.81 2.31 10.97
C TYR B 101 9.39 2.02 9.54
N VAL B 102 8.70 0.89 9.34
CA VAL B 102 8.40 0.48 7.98
C VAL B 102 7.00 -0.09 7.93
N MET B 103 6.54 -0.41 6.71
CA MET B 103 5.31 -1.17 6.61
C MET B 103 5.57 -2.50 5.90
N VAL B 104 4.89 -3.54 6.34
CA VAL B 104 4.92 -4.77 5.59
C VAL B 104 3.53 -5.03 5.01
N MET B 105 3.53 -5.55 3.77
CA MET B 105 2.45 -6.37 3.27
C MET B 105 2.92 -7.83 3.30
N GLY B 106 2.10 -8.71 3.81
CA GLY B 106 2.56 -10.06 4.04
C GLY B 106 1.42 -11.05 4.12
N VAL B 107 1.80 -12.31 3.97
CA VAL B 107 0.89 -13.44 3.96
C VAL B 107 1.19 -14.13 5.26
N VAL B 108 0.12 -14.42 5.98
CA VAL B 108 0.23 -14.94 7.32
C VAL B 108 0.66 -16.41 7.30
N GLN B 109 1.72 -16.67 8.07
CA GLN B 109 2.31 -17.99 8.19
C GLN B 109 1.85 -18.63 9.50
N ALA B 110 2.21 -17.93 10.59
CA ALA B 110 1.80 -18.23 11.95
C ALA B 110 1.15 -17.00 12.60
N CYS B 111 0.29 -17.23 13.60
CA CYS B 111 -0.38 -16.18 14.34
C CYS B 111 0.05 -16.11 15.80
N SER B 112 0.35 -17.26 16.40
CA SER B 112 0.58 -17.44 17.82
C SER B 112 1.68 -18.48 17.99
N PRO B 113 2.51 -18.45 19.03
CA PRO B 113 2.55 -17.33 19.98
C PRO B 113 3.10 -15.99 19.47
N GLU B 114 3.73 -16.06 18.30
CA GLU B 114 4.35 -14.89 17.67
C GLU B 114 3.96 -14.96 16.21
N PRO B 115 3.41 -13.85 15.67
CA PRO B 115 2.95 -13.85 14.29
C PRO B 115 4.16 -13.80 13.36
N CYS B 116 4.09 -14.67 12.31
CA CYS B 116 5.06 -14.78 11.22
C CYS B 116 4.36 -14.49 9.89
N LEU B 117 4.99 -13.60 9.10
CA LEU B 117 4.55 -13.32 7.74
C LEU B 117 5.62 -13.70 6.70
N GLN B 118 5.14 -14.10 5.50
CA GLN B 118 5.96 -14.18 4.32
C GLN B 118 5.77 -12.87 3.59
N ALA B 119 6.85 -12.11 3.41
CA ALA B 119 6.75 -10.76 2.87
C ALA B 119 6.51 -10.80 1.38
N VAL B 120 5.65 -9.88 1.02
CA VAL B 120 5.45 -9.45 -0.33
C VAL B 120 6.01 -8.07 -0.51
N LYS B 121 5.75 -7.17 0.40
CA LYS B 121 6.55 -5.95 0.36
C LYS B 121 6.93 -5.50 1.75
N MET B 122 8.00 -4.68 1.79
CA MET B 122 8.31 -3.84 2.92
C MET B 122 8.84 -2.49 2.46
N THR B 123 8.40 -1.42 3.06
CA THR B 123 8.65 -0.08 2.56
C THR B 123 9.00 0.79 3.75
N ASP B 124 10.02 1.67 3.59
CA ASP B 124 10.41 2.66 4.62
C ASP B 124 9.31 3.69 4.82
N LEU B 125 9.04 4.01 6.09
CA LEU B 125 8.15 5.08 6.51
C LEU B 125 8.76 5.98 7.58
N SER B 126 10.10 5.99 7.72
CA SER B 126 10.81 6.66 8.80
C SER B 126 11.06 8.14 8.49
N ASP B 127 10.87 8.59 7.24
CA ASP B 127 11.15 9.96 6.86
C ASP B 127 9.93 10.85 7.15
N ASN B 128 9.03 10.35 8.02
CA ASN B 128 7.83 11.09 8.41
C ASN B 128 7.17 10.48 9.64
N PRO B 129 7.49 11.01 10.83
CA PRO B 129 6.95 10.49 12.10
C PRO B 129 5.45 10.22 12.23
N ILE B 130 4.68 10.95 11.43
CA ILE B 130 3.23 10.91 11.57
C ILE B 130 2.72 9.50 11.25
N HIS B 131 3.32 8.84 10.28
CA HIS B 131 3.01 7.46 10.04
C HIS B 131 2.90 6.68 11.37
N GLU B 132 3.94 6.74 12.19
CA GLU B 132 3.90 6.02 13.47
C GLU B 132 2.75 6.39 14.45
N SER B 133 2.54 7.69 14.67
CA SER B 133 1.43 8.27 15.38
C SER B 133 0.08 7.78 14.89
N MET B 134 -0.13 7.62 13.57
CA MET B 134 -1.45 7.24 13.12
C MET B 134 -1.66 5.74 13.11
N TRP B 135 -0.59 4.92 13.19
CA TRP B 135 -0.79 3.55 12.85
C TRP B 135 -1.95 2.96 13.65
N GLU B 136 -2.04 3.23 14.95
CA GLU B 136 -2.92 2.42 15.79
C GLU B 136 -4.38 2.81 15.63
N LEU B 137 -4.57 4.11 15.40
CA LEU B 137 -5.86 4.67 15.01
C LEU B 137 -6.29 4.24 13.61
N GLU B 138 -5.34 4.15 12.66
CA GLU B 138 -5.70 3.77 11.33
C GLU B 138 -6.28 2.35 11.36
N VAL B 139 -5.60 1.47 12.08
CA VAL B 139 -6.10 0.14 12.24
C VAL B 139 -7.51 0.15 12.79
N GLU B 140 -7.70 0.92 13.85
CA GLU B 140 -9.00 0.84 14.48
C GLU B 140 -10.09 1.43 13.58
N ASP B 141 -9.80 2.56 12.93
CA ASP B 141 -10.79 3.26 12.12
C ASP B 141 -11.30 2.30 11.05
N LEU B 142 -10.36 1.57 10.48
CA LEU B 142 -10.66 0.72 9.37
C LEU B 142 -11.51 -0.41 9.91
N HIS B 143 -11.10 -1.08 10.99
CA HIS B 143 -11.96 -2.18 11.45
C HIS B 143 -13.39 -1.74 11.71
N ARG B 144 -13.53 -0.44 12.03
CA ARG B 144 -14.84 0.12 12.31
C ARG B 144 -15.60 0.32 11.01
N ASN B 145 -14.96 0.48 9.87
CA ASN B 145 -15.72 0.71 8.67
C ASN B 145 -15.89 -0.53 7.81
N ILE B 146 -15.67 -1.73 8.34
CA ILE B 146 -16.02 -2.91 7.59
C ILE B 146 -17.27 -3.44 8.21
N PRO B 147 -18.34 -3.69 7.45
CA PRO B 147 -19.56 -4.24 8.04
C PRO B 147 -19.44 -5.77 8.33
N TYR C 2 3.13 -16.03 -5.70
CA TYR C 2 2.54 -14.72 -5.92
C TYR C 2 3.58 -13.93 -6.72
N SER C 3 3.12 -13.02 -7.55
CA SER C 3 4.11 -12.30 -8.31
C SER C 3 3.67 -10.88 -8.39
N ILE C 4 4.63 -9.98 -8.37
CA ILE C 4 4.27 -8.59 -8.54
C ILE C 4 5.33 -8.01 -9.44
N LEU C 5 5.04 -6.86 -10.04
CA LEU C 5 6.02 -6.23 -10.90
C LEU C 5 6.27 -4.82 -10.44
N PHE C 6 7.52 -4.39 -10.35
CA PHE C 6 7.86 -2.96 -10.19
C PHE C 6 8.90 -2.71 -11.28
N ASP C 7 10.22 -2.54 -10.94
CA ASP C 7 11.31 -2.41 -11.91
C ASP C 7 11.48 -3.70 -12.73
N LYS C 8 11.05 -4.80 -12.11
CA LYS C 8 11.04 -6.13 -12.65
C LYS C 8 10.00 -6.96 -11.91
N TYR C 9 9.88 -8.24 -12.28
CA TYR C 9 9.06 -9.17 -11.53
C TYR C 9 9.75 -9.62 -10.23
N TYR C 10 8.96 -9.78 -9.19
CA TYR C 10 9.40 -10.34 -7.93
C TYR C 10 8.43 -11.47 -7.58
N SER C 11 8.98 -12.57 -7.11
CA SER C 11 8.12 -13.74 -6.94
C SER C 11 8.15 -14.20 -5.50
N ILE C 12 6.99 -14.54 -5.00
CA ILE C 12 6.83 -14.86 -3.61
C ILE C 12 6.26 -16.29 -3.48
N PRO C 13 6.85 -17.08 -2.57
CA PRO C 13 6.42 -18.45 -2.32
C PRO C 13 5.02 -18.40 -1.81
N CYS C 14 4.15 -19.23 -2.38
CA CYS C 14 2.71 -19.20 -2.10
C CYS C 14 2.18 -20.60 -1.90
#